data_7LQP
#
_entry.id   7LQP
#
_cell.length_a   46.421
_cell.length_b   46.421
_cell.length_c   137.999
_cell.angle_alpha   90.00
_cell.angle_beta   90.00
_cell.angle_gamma   90.00
#
_symmetry.space_group_name_H-M   'P 43'
#
loop_
_entity.id
_entity.type
_entity.pdbx_description
1 polymer Integrase
2 non-polymer 'IODIDE ION'
3 non-polymer 'SULFATE ION'
4 non-polymer '2-[2-[2-[3-[2-[2-[2-[[3-[2-[3-(2-hydroxy-2-oxoethyl)-5-methyl-1-benzofuran-2-yl]ethynyl]phenyl]carbonylamino]ethoxy]ethoxy]ethylcarbamoyl]phenyl]ethynyl]-5-methyl-1-benzofuran-3-yl]ethanoic acid'
5 water water
#
_entity_poly.entity_id   1
_entity_poly.type   'polypeptide(L)'
_entity_poly.pdbx_seq_one_letter_code
;MHGEVDSSPGIWQLD(CSO)THLEGKVILVAVHVASGYIEAEVIPAETGQETAYFLLKLAGRWPVKTVHTDNGSNFTSTT
VKAACEWAGIKQEFGIPYNPQSQGVIESMNKELKKIIGQVRDQAEHLKTAVQMAVFIHNKKRKGGIGGYSAGERIVDIIA
TDIETKE
;
_entity_poly.pdbx_strand_id   A,B
#
loop_
_chem_comp.id
_chem_comp.type
_chem_comp.name
_chem_comp.formula
IOD non-polymer 'IODIDE ION' 'I -1'
SO4 non-polymer 'SULFATE ION' 'O4 S -2'
YAV non-polymer '2-[2-[2-[3-[2-[2-[2-[[3-[2-[3-(2-hydroxy-2-oxoethyl)-5-methyl-1-benzofuran-2-yl]ethynyl]phenyl]carbonylamino]ethoxy]ethoxy]ethylcarbamoyl]phenyl]ethynyl]-5-methyl-1-benzofuran-3-yl]ethanoic acid' 'C46 H40 N2 O10'
#
# COMPACT_ATOMS: atom_id res chain seq x y z
N SER A 8 2.90 6.90 19.81
CA SER A 8 3.34 5.85 18.89
C SER A 8 2.96 6.23 17.45
N PRO A 9 3.44 7.38 16.98
CA PRO A 9 2.97 7.90 15.69
C PRO A 9 3.35 7.04 14.50
N GLY A 10 4.64 7.06 14.12
CA GLY A 10 5.09 6.34 12.96
C GLY A 10 5.91 5.11 13.28
N ILE A 11 5.44 4.33 14.25
CA ILE A 11 6.15 3.16 14.75
C ILE A 11 5.53 1.90 14.17
N TRP A 12 6.38 1.08 13.56
CA TRP A 12 5.97 -0.17 12.93
C TRP A 12 6.83 -1.30 13.48
N GLN A 13 6.31 -2.52 13.34
CA GLN A 13 7.02 -3.73 13.75
C GLN A 13 6.99 -4.71 12.59
N LEU A 14 8.12 -5.38 12.38
CA LEU A 14 8.34 -6.17 11.18
C LEU A 14 8.73 -7.59 11.57
N ASP A 15 8.22 -8.55 10.81
CA ASP A 15 8.45 -9.95 11.10
C ASP A 15 8.24 -10.81 9.85
N CSO A 16 8.76 -12.03 9.89
CA CSO A 16 8.59 -13.00 8.82
CB CSO A 16 9.94 -13.53 8.35
SG CSO A 16 10.60 -12.44 7.06
C CSO A 16 7.70 -14.14 9.30
O CSO A 16 7.84 -14.62 10.43
OD CSO A 16 11.39 -11.02 7.77
N THR A 17 6.78 -14.58 8.44
CA THR A 17 5.95 -15.76 8.72
C THR A 17 6.01 -16.65 7.48
N HIS A 18 5.65 -17.93 7.65
CA HIS A 18 5.89 -18.93 6.62
C HIS A 18 4.67 -19.81 6.42
N LEU A 19 4.29 -20.02 5.17
CA LEU A 19 3.37 -21.09 4.81
C LEU A 19 3.57 -21.46 3.34
N GLU A 20 3.09 -22.65 2.99
CA GLU A 20 3.15 -23.16 1.62
C GLU A 20 4.54 -22.98 1.02
N GLY A 21 5.57 -23.21 1.84
CA GLY A 21 6.93 -23.11 1.37
C GLY A 21 7.30 -21.75 0.83
N LYS A 22 6.83 -20.69 1.49
CA LYS A 22 7.11 -19.33 1.04
C LYS A 22 7.27 -18.44 2.26
N VAL A 23 7.78 -17.23 2.02
CA VAL A 23 8.11 -16.28 3.07
C VAL A 23 7.17 -15.08 2.94
N ILE A 24 6.51 -14.74 4.04
CA ILE A 24 5.58 -13.62 4.08
C ILE A 24 6.17 -12.58 5.02
N LEU A 25 6.62 -11.46 4.47
CA LEU A 25 7.00 -10.31 5.28
C LEU A 25 5.74 -9.60 5.76
N VAL A 26 5.75 -9.19 7.02
CA VAL A 26 4.56 -8.60 7.65
C VAL A 26 4.98 -7.35 8.41
N ALA A 27 4.42 -6.21 8.01
CA ALA A 27 4.59 -4.96 8.73
C ALA A 27 3.34 -4.70 9.56
N VAL A 28 3.56 -4.28 10.81
CA VAL A 28 2.47 -4.05 11.76
C VAL A 28 2.62 -2.65 12.34
N HIS A 29 1.58 -1.83 12.18
CA HIS A 29 1.50 -0.56 12.88
C HIS A 29 1.11 -0.84 14.33
N VAL A 30 1.98 -0.46 15.26
CA VAL A 30 1.84 -0.93 16.64
C VAL A 30 0.54 -0.42 17.25
N ALA A 31 0.28 0.88 17.16
CA ALA A 31 -0.82 1.47 17.89
C ALA A 31 -2.19 1.15 17.31
N SER A 32 -2.24 0.55 16.11
CA SER A 32 -3.51 0.31 15.44
C SER A 32 -3.82 -1.15 15.17
N GLY A 33 -2.82 -2.03 15.18
CA GLY A 33 -3.00 -3.37 14.68
C GLY A 33 -3.06 -3.48 13.18
N TYR A 34 -2.92 -2.36 12.48
CA TYR A 34 -2.94 -2.36 11.02
C TYR A 34 -1.73 -3.08 10.46
N ILE A 35 -1.97 -3.90 9.43
CA ILE A 35 -0.94 -4.78 8.90
C ILE A 35 -0.82 -4.59 7.39
N GLU A 36 0.39 -4.84 6.89
CA GLU A 36 0.68 -4.94 5.47
C GLU A 36 1.69 -6.06 5.28
N ALA A 37 1.47 -6.90 4.26
CA ALA A 37 2.30 -8.08 4.04
C ALA A 37 2.50 -8.28 2.55
N GLU A 38 3.40 -9.21 2.22
CA GLU A 38 3.70 -9.54 0.84
C GLU A 38 4.62 -10.76 0.83
N VAL A 39 4.60 -11.47 -0.29
CA VAL A 39 5.44 -12.66 -0.47
C VAL A 39 6.82 -12.18 -0.93
N ILE A 40 7.83 -12.39 -0.09
CA ILE A 40 9.16 -11.82 -0.29
C ILE A 40 10.18 -12.95 -0.23
N PRO A 41 11.33 -12.82 -0.89
CA PRO A 41 12.29 -13.93 -0.92
C PRO A 41 12.83 -14.28 0.46
N ALA A 42 13.21 -15.55 0.61
CA ALA A 42 14.02 -15.98 1.75
C ALA A 42 15.08 -14.94 2.06
N GLU A 43 15.84 -14.54 1.05
CA GLU A 43 16.85 -13.52 1.22
C GLU A 43 16.21 -12.19 1.61
N THR A 44 16.68 -11.63 2.72
CA THR A 44 16.37 -10.25 3.11
C THR A 44 17.38 -9.31 2.44
N GLY A 45 16.87 -8.49 1.52
CA GLY A 45 17.73 -7.57 0.80
C GLY A 45 16.94 -6.61 -0.08
N GLN A 46 17.09 -6.76 -1.39
CA GLN A 46 16.54 -5.79 -2.31
C GLN A 46 15.02 -5.70 -2.19
N GLU A 47 14.34 -6.85 -2.19
CA GLU A 47 12.88 -6.84 -2.16
C GLU A 47 12.33 -6.48 -0.79
N THR A 48 13.10 -6.73 0.27
CA THR A 48 12.72 -6.20 1.58
C THR A 48 12.86 -4.68 1.61
N ALA A 49 13.90 -4.15 0.96
CA ALA A 49 14.05 -2.70 0.85
C ALA A 49 12.92 -2.11 0.00
N TYR A 50 12.54 -2.80 -1.07
CA TYR A 50 11.44 -2.35 -1.91
C TYR A 50 10.14 -2.31 -1.14
N PHE A 51 9.86 -3.36 -0.35
CA PHE A 51 8.65 -3.40 0.46
C PHE A 51 8.55 -2.18 1.37
N LEU A 52 9.65 -1.82 2.02
CA LEU A 52 9.60 -0.70 2.96
C LEU A 52 9.47 0.62 2.24
N LEU A 53 10.12 0.76 1.08
CA LEU A 53 9.99 1.99 0.30
C LEU A 53 8.53 2.25 -0.05
N LYS A 54 7.86 1.23 -0.60
CA LYS A 54 6.42 1.36 -0.87
C LYS A 54 5.67 1.68 0.42
N LEU A 55 5.99 0.95 1.50
CA LEU A 55 5.29 1.15 2.76
C LEU A 55 5.38 2.60 3.22
N ALA A 56 6.58 3.15 3.28
CA ALA A 56 6.74 4.53 3.71
C ALA A 56 6.18 5.53 2.72
N GLY A 57 5.97 5.11 1.47
CA GLY A 57 5.28 5.97 0.53
C GLY A 57 3.80 6.07 0.81
N ARG A 58 3.22 5.02 1.41
CA ARG A 58 1.80 4.99 1.72
C ARG A 58 1.49 5.64 3.06
N TRP A 59 2.27 5.31 4.08
CA TRP A 59 2.00 5.78 5.44
C TRP A 59 3.21 6.52 6.00
N PRO A 60 3.06 7.18 7.15
CA PRO A 60 4.24 7.68 7.87
C PRO A 60 5.00 6.52 8.50
N VAL A 61 6.29 6.43 8.20
CA VAL A 61 7.16 5.37 8.72
C VAL A 61 8.44 6.03 9.22
N LYS A 62 8.59 6.11 10.54
CA LYS A 62 9.78 6.64 11.20
C LYS A 62 10.63 5.59 11.86
N THR A 63 10.03 4.61 12.53
CA THR A 63 10.77 3.59 13.27
C THR A 63 10.24 2.21 12.90
N VAL A 64 11.14 1.23 12.85
CA VAL A 64 10.81 -0.14 12.46
C VAL A 64 11.57 -1.08 13.39
N HIS A 65 10.84 -1.83 14.21
CA HIS A 65 11.45 -2.73 15.17
C HIS A 65 11.50 -4.16 14.64
N THR A 66 12.55 -4.86 15.05
CA THR A 66 12.69 -6.30 14.81
C THR A 66 13.45 -6.87 16.00
N ASP A 67 13.30 -8.18 16.23
CA ASP A 67 14.00 -8.84 17.32
C ASP A 67 14.85 -10.01 16.83
N ASN A 68 15.37 -9.91 15.61
CA ASN A 68 16.49 -10.71 15.14
C ASN A 68 17.31 -9.82 14.21
N GLY A 69 18.40 -10.36 13.68
CA GLY A 69 19.36 -9.54 12.98
C GLY A 69 19.22 -9.45 11.48
N SER A 70 18.24 -10.14 10.89
CA SER A 70 18.14 -10.20 9.44
C SER A 70 18.11 -8.81 8.81
N ASN A 71 17.25 -7.93 9.33
CA ASN A 71 17.10 -6.59 8.78
C ASN A 71 18.33 -5.72 8.97
N PHE A 72 19.35 -6.19 9.68
CA PHE A 72 20.56 -5.41 9.89
C PHE A 72 21.71 -5.91 9.03
N THR A 73 21.46 -6.86 8.13
CA THR A 73 22.52 -7.49 7.36
C THR A 73 22.58 -7.00 5.92
N SER A 74 21.62 -6.19 5.47
CA SER A 74 21.48 -5.87 4.06
C SER A 74 21.88 -4.42 3.81
N THR A 75 22.91 -4.23 2.98
CA THR A 75 23.25 -2.91 2.48
C THR A 75 22.03 -2.23 1.89
N THR A 76 21.29 -2.94 1.04
CA THR A 76 20.18 -2.33 0.33
C THR A 76 19.12 -1.81 1.29
N VAL A 77 18.80 -2.58 2.33
CA VAL A 77 17.79 -2.13 3.29
C VAL A 77 18.27 -0.88 4.00
N LYS A 78 19.55 -0.84 4.39
CA LYS A 78 20.08 0.32 5.08
C LYS A 78 19.90 1.59 4.25
N ALA A 79 20.14 1.49 2.94
CA ALA A 79 20.00 2.66 2.09
C ALA A 79 18.54 3.06 1.94
N ALA A 80 17.64 2.09 1.85
CA ALA A 80 16.22 2.39 1.76
C ALA A 80 15.75 3.18 2.96
N CYS A 81 16.04 2.69 4.17
CA CYS A 81 15.70 3.44 5.37
C CYS A 81 16.36 4.82 5.36
N GLU A 82 17.60 4.89 4.90
CA GLU A 82 18.29 6.17 4.78
C GLU A 82 17.58 7.07 3.78
N TRP A 83 17.26 6.54 2.61
CA TRP A 83 16.60 7.33 1.58
C TRP A 83 15.26 7.88 2.06
N ALA A 84 14.49 7.07 2.78
CA ALA A 84 13.11 7.40 3.11
C ALA A 84 12.95 8.01 4.50
N GLY A 85 14.02 8.12 5.28
CA GLY A 85 13.92 8.75 6.58
C GLY A 85 13.34 7.87 7.66
N ILE A 86 13.55 6.56 7.58
CA ILE A 86 13.08 5.62 8.59
C ILE A 86 14.18 5.43 9.61
N LYS A 87 13.81 4.95 10.80
CA LYS A 87 14.77 4.53 11.82
C LYS A 87 14.58 3.04 12.08
N GLN A 88 15.69 2.33 12.25
CA GLN A 88 15.67 0.90 12.55
C GLN A 88 16.19 0.67 13.96
N GLU A 89 15.44 -0.10 14.74
CA GLU A 89 15.78 -0.37 16.13
C GLU A 89 15.50 -1.82 16.44
N PHE A 90 16.44 -2.49 17.11
CA PHE A 90 16.24 -3.87 17.50
C PHE A 90 15.22 -3.96 18.64
N GLY A 91 14.68 -5.16 18.84
CA GLY A 91 13.70 -5.37 19.88
C GLY A 91 12.32 -4.98 19.42
N ILE A 92 11.41 -5.95 19.37
CA ILE A 92 10.10 -5.76 18.74
C ILE A 92 9.03 -5.95 19.82
N PRO A 93 8.96 -5.06 20.81
CA PRO A 93 8.07 -5.25 21.96
C PRO A 93 6.59 -5.04 21.62
N GLU A 103 1.68 -7.94 16.97
CA GLU A 103 2.50 -8.79 17.83
C GLU A 103 2.39 -10.25 17.40
N SER A 104 1.26 -10.88 17.72
CA SER A 104 0.97 -12.23 17.28
C SER A 104 -0.09 -12.24 16.18
N MET A 105 -0.23 -11.11 15.49
CA MET A 105 -1.15 -11.08 14.37
C MET A 105 -0.88 -12.24 13.42
N ASN A 106 0.38 -12.66 13.31
CA ASN A 106 0.73 -13.80 12.47
C ASN A 106 -0.09 -15.03 12.83
N LYS A 107 -0.51 -15.14 14.09
CA LYS A 107 -1.36 -16.26 14.46
C LYS A 107 -2.68 -16.18 13.72
N GLU A 108 -3.38 -15.04 13.83
CA GLU A 108 -4.69 -14.98 13.18
C GLU A 108 -4.59 -14.75 11.68
N LEU A 109 -3.57 -14.06 11.17
CA LEU A 109 -3.45 -13.90 9.73
C LEU A 109 -3.43 -15.26 9.04
N LYS A 110 -2.60 -16.18 9.54
CA LYS A 110 -2.54 -17.52 8.95
C LYS A 110 -3.89 -18.21 9.02
N LYS A 111 -4.67 -17.96 10.07
CA LYS A 111 -5.99 -18.56 10.15
C LYS A 111 -6.86 -18.08 8.99
N ILE A 112 -6.87 -16.78 8.73
CA ILE A 112 -7.71 -16.23 7.67
C ILE A 112 -7.24 -16.73 6.32
N ILE A 113 -5.93 -16.73 6.08
CA ILE A 113 -5.42 -17.29 4.82
C ILE A 113 -5.93 -18.70 4.64
N GLY A 114 -5.85 -19.51 5.70
CA GLY A 114 -6.44 -20.83 5.64
C GLY A 114 -7.91 -20.80 5.30
N GLN A 115 -8.62 -19.79 5.81
CA GLN A 115 -10.05 -19.67 5.50
C GLN A 115 -10.27 -19.38 4.02
N VAL A 116 -9.58 -18.36 3.49
CA VAL A 116 -9.83 -17.89 2.14
C VAL A 116 -8.94 -18.57 1.10
N ARG A 117 -8.08 -19.49 1.50
CA ARG A 117 -7.12 -20.07 0.56
C ARG A 117 -7.82 -20.71 -0.62
N ASP A 118 -9.00 -21.29 -0.41
CA ASP A 118 -9.69 -21.98 -1.50
C ASP A 118 -10.13 -21.03 -2.60
N GLN A 119 -10.32 -19.75 -2.27
CA GLN A 119 -10.91 -18.79 -3.20
C GLN A 119 -9.89 -18.17 -4.15
N ALA A 120 -8.67 -18.71 -4.24
CA ALA A 120 -7.68 -18.14 -5.12
C ALA A 120 -6.68 -19.21 -5.52
N GLU A 121 -6.00 -18.98 -6.65
CA GLU A 121 -4.93 -19.89 -7.06
C GLU A 121 -3.67 -19.63 -6.25
N HIS A 122 -3.20 -18.38 -6.24
CA HIS A 122 -1.92 -18.04 -5.65
C HIS A 122 -2.08 -17.73 -4.17
N LEU A 123 -1.22 -18.32 -3.34
CA LEU A 123 -1.14 -17.95 -1.94
C LEU A 123 -1.10 -16.44 -1.78
N LYS A 124 -0.29 -15.77 -2.60
CA LYS A 124 -0.21 -14.33 -2.65
C LYS A 124 -1.58 -13.67 -2.49
N THR A 125 -2.50 -13.97 -3.41
CA THR A 125 -3.84 -13.41 -3.33
C THR A 125 -4.47 -13.71 -1.98
N ALA A 126 -4.45 -14.99 -1.58
CA ALA A 126 -5.01 -15.37 -0.29
C ALA A 126 -4.47 -14.48 0.82
N VAL A 127 -3.17 -14.19 0.78
CA VAL A 127 -2.58 -13.30 1.78
C VAL A 127 -3.25 -11.93 1.75
N GLN A 128 -3.18 -11.27 0.59
CA GLN A 128 -3.84 -9.97 0.46
C GLN A 128 -5.32 -10.07 0.77
N MET A 129 -5.93 -11.22 0.49
CA MET A 129 -7.31 -11.44 0.92
C MET A 129 -7.39 -11.43 2.44
N ALA A 130 -6.48 -12.14 3.11
CA ALA A 130 -6.47 -12.15 4.57
C ALA A 130 -6.10 -10.79 5.14
N VAL A 131 -5.08 -10.14 4.56
CA VAL A 131 -4.76 -8.77 4.97
C VAL A 131 -6.01 -7.91 4.94
N PHE A 132 -6.67 -7.86 3.78
CA PHE A 132 -7.95 -7.17 3.64
C PHE A 132 -8.86 -7.41 4.84
N ILE A 133 -9.11 -8.68 5.17
CA ILE A 133 -10.08 -9.01 6.20
C ILE A 133 -9.61 -8.47 7.55
N HIS A 134 -8.36 -8.74 7.91
CA HIS A 134 -7.88 -8.37 9.24
C HIS A 134 -8.02 -6.87 9.48
N ASN A 135 -7.73 -6.06 8.46
CA ASN A 135 -7.72 -4.62 8.63
C ASN A 135 -9.11 -4.01 8.60
N LYS A 136 -10.09 -4.69 8.01
CA LYS A 136 -11.41 -4.11 7.80
C LYS A 136 -12.44 -4.59 8.81
N LYS A 137 -12.21 -5.71 9.49
CA LYS A 137 -13.19 -6.29 10.40
C LYS A 137 -13.02 -5.74 11.81
N ARG A 138 -14.17 -5.50 12.47
CA ARG A 138 -14.29 -4.91 13.82
C ARG A 138 -14.77 -3.47 13.70
N LYS A 139 -15.28 -2.89 14.78
CA LYS A 139 -16.55 -2.15 14.68
C LYS A 139 -17.60 -3.12 14.16
N GLY A 140 -17.37 -4.40 14.45
CA GLY A 140 -17.95 -5.50 13.73
C GLY A 140 -18.05 -6.76 14.55
N GLY A 141 -19.27 -7.09 14.97
CA GLY A 141 -20.44 -6.27 14.65
C GLY A 141 -20.52 -5.01 15.48
N ILE A 142 -20.47 -5.18 16.80
CA ILE A 142 -20.48 -4.05 17.71
C ILE A 142 -19.11 -3.40 17.68
N GLY A 143 -18.13 -4.03 18.34
CA GLY A 143 -16.78 -3.52 18.39
C GLY A 143 -16.73 -2.01 18.48
N GLY A 144 -15.74 -1.40 17.85
CA GLY A 144 -15.65 0.04 17.80
C GLY A 144 -15.00 0.52 16.52
N TYR A 145 -13.80 0.03 16.25
CA TYR A 145 -13.04 0.43 15.08
C TYR A 145 -12.11 -0.70 14.70
N SER A 146 -11.99 -0.95 13.39
CA SER A 146 -11.01 -1.91 12.92
C SER A 146 -9.62 -1.27 12.85
N ALA A 147 -8.61 -2.11 12.64
CA ALA A 147 -7.25 -1.60 12.49
C ALA A 147 -7.21 -0.47 11.47
N GLY A 148 -7.71 -0.73 10.26
CA GLY A 148 -7.75 0.30 9.24
C GLY A 148 -8.43 1.57 9.73
N GLU A 149 -9.54 1.43 10.43
CA GLU A 149 -10.17 2.59 11.05
C GLU A 149 -9.24 3.20 12.10
N ARG A 150 -8.53 2.36 12.85
CA ARG A 150 -7.71 2.85 13.94
C ARG A 150 -6.50 3.63 13.42
N ILE A 151 -5.81 3.10 12.41
CA ILE A 151 -4.63 3.77 11.89
C ILE A 151 -5.00 5.15 11.36
N VAL A 152 -6.12 5.24 10.63
CA VAL A 152 -6.52 6.51 10.05
C VAL A 152 -6.82 7.53 11.14
N ASP A 153 -7.59 7.12 12.15
CA ASP A 153 -7.91 8.04 13.24
C ASP A 153 -6.65 8.49 13.96
N ILE A 154 -5.73 7.57 14.24
CA ILE A 154 -4.49 7.94 14.90
C ILE A 154 -3.75 9.00 14.09
N ILE A 155 -3.58 8.75 12.80
CA ILE A 155 -2.79 9.65 11.96
C ILE A 155 -3.50 10.99 11.80
N ALA A 156 -4.76 10.96 11.36
CA ALA A 156 -5.53 12.20 11.23
C ALA A 156 -5.44 13.02 12.51
N THR A 157 -5.52 12.37 13.66
CA THR A 157 -5.38 13.06 14.93
C THR A 157 -4.02 13.75 15.03
N ASP A 158 -2.94 12.98 14.87
CA ASP A 158 -1.60 13.52 15.08
C ASP A 158 -1.35 14.76 14.23
N ILE A 159 -1.82 14.73 12.98
CA ILE A 159 -1.57 15.85 12.07
C ILE A 159 -2.06 17.17 12.66
N GLU A 160 -2.95 17.13 13.64
CA GLU A 160 -3.45 18.37 14.23
C GLU A 160 -2.31 19.29 14.64
N THR A 161 -1.16 18.73 14.98
CA THR A 161 0.01 19.48 15.40
C THR A 161 1.09 19.42 14.32
N SER B 7 -16.48 14.89 -3.54
CA SER B 7 -16.35 14.71 -2.09
C SER B 7 -16.03 13.26 -1.74
N SER B 8 -16.82 12.35 -2.30
CA SER B 8 -16.81 10.93 -1.97
C SER B 8 -15.42 10.41 -1.65
N PRO B 9 -15.24 9.80 -0.46
CA PRO B 9 -13.89 9.46 -0.01
C PRO B 9 -13.29 8.20 -0.63
N GLY B 10 -13.94 7.57 -1.60
CA GLY B 10 -13.41 6.32 -2.12
C GLY B 10 -13.46 6.19 -3.63
N ILE B 11 -13.47 7.31 -4.34
CA ILE B 11 -13.40 7.29 -5.79
C ILE B 11 -11.94 7.31 -6.21
N TRP B 12 -11.62 6.56 -7.25
CA TRP B 12 -10.28 6.51 -7.81
C TRP B 12 -10.37 6.55 -9.32
N GLN B 13 -9.27 6.98 -9.95
CA GLN B 13 -9.06 6.77 -11.37
C GLN B 13 -7.93 5.78 -11.57
N LEU B 14 -7.95 5.09 -12.70
CA LEU B 14 -6.96 4.07 -13.01
C LEU B 14 -6.59 4.18 -14.48
N ASP B 15 -5.30 4.15 -14.76
CA ASP B 15 -4.80 4.26 -16.12
C ASP B 15 -3.39 3.71 -16.23
N CSO B 16 -2.98 3.35 -17.43
CA CSO B 16 -1.62 2.88 -17.64
CB CSO B 16 -1.60 1.65 -18.55
SG CSO B 16 -2.58 0.32 -17.81
C CSO B 16 -0.73 3.97 -18.24
O CSO B 16 -1.20 5.02 -18.67
OD CSO B 16 -3.43 -0.64 -19.05
N THR B 17 0.57 3.69 -18.24
CA THR B 17 1.58 4.64 -18.70
C THR B 17 2.88 3.82 -18.82
N HIS B 18 3.61 4.04 -19.91
CA HIS B 18 4.69 3.16 -20.33
C HIS B 18 6.02 3.90 -20.28
N LEU B 19 7.07 3.17 -19.90
CA LEU B 19 8.39 3.78 -19.74
C LEU B 19 9.44 2.68 -19.68
N GLU B 20 10.48 2.82 -20.48
CA GLU B 20 11.55 1.82 -20.59
C GLU B 20 10.99 0.46 -21.00
N GLY B 21 9.95 0.48 -21.83
CA GLY B 21 9.34 -0.74 -22.32
C GLY B 21 8.36 -1.40 -21.38
N LYS B 22 8.43 -1.11 -20.09
CA LYS B 22 7.54 -1.71 -19.10
C LYS B 22 6.35 -0.78 -18.85
N VAL B 23 5.24 -1.39 -18.41
CA VAL B 23 3.99 -0.66 -18.19
C VAL B 23 3.87 -0.32 -16.72
N ILE B 24 3.26 0.83 -16.44
CA ILE B 24 3.09 1.34 -15.08
C ILE B 24 1.60 1.57 -14.86
N LEU B 25 0.98 0.75 -14.02
CA LEU B 25 -0.40 0.98 -13.62
C LEU B 25 -0.43 2.04 -12.52
N VAL B 26 -1.37 2.97 -12.63
CA VAL B 26 -1.44 4.13 -11.74
C VAL B 26 -2.87 4.28 -11.25
N ALA B 27 -3.05 4.24 -9.94
CA ALA B 27 -4.33 4.55 -9.30
C ALA B 27 -4.21 5.87 -8.58
N VAL B 28 -5.15 6.77 -8.80
CA VAL B 28 -5.16 8.08 -8.18
C VAL B 28 -6.47 8.25 -7.42
N HIS B 29 -6.38 8.45 -6.12
CA HIS B 29 -7.54 8.87 -5.35
C HIS B 29 -7.89 10.30 -5.73
N VAL B 30 -9.07 10.48 -6.33
CA VAL B 30 -9.37 11.76 -6.98
C VAL B 30 -9.45 12.88 -5.96
N ALA B 31 -10.16 12.65 -4.85
CA ALA B 31 -10.45 13.74 -3.93
C ALA B 31 -9.19 14.32 -3.30
N SER B 32 -8.08 13.60 -3.32
CA SER B 32 -6.88 14.03 -2.62
C SER B 32 -5.64 14.16 -3.50
N GLY B 33 -5.55 13.41 -4.60
CA GLY B 33 -4.36 13.37 -5.38
C GLY B 33 -3.35 12.34 -4.92
N TYR B 34 -3.65 11.60 -3.86
CA TYR B 34 -2.82 10.47 -3.46
C TYR B 34 -2.87 9.41 -4.54
N ILE B 35 -1.70 8.87 -4.89
CA ILE B 35 -1.61 7.86 -5.93
C ILE B 35 -0.93 6.63 -5.38
N GLU B 36 -1.04 5.54 -6.13
CA GLU B 36 -0.19 4.38 -5.98
C GLU B 36 0.10 3.85 -7.38
N ALA B 37 1.24 3.20 -7.53
CA ALA B 37 1.68 2.73 -8.84
C ALA B 37 2.45 1.44 -8.67
N GLU B 38 2.73 0.80 -9.80
CA GLU B 38 3.50 -0.44 -9.84
C GLU B 38 3.72 -0.81 -11.30
N VAL B 39 4.83 -1.47 -11.60
CA VAL B 39 5.12 -1.95 -12.94
C VAL B 39 4.59 -3.37 -13.07
N ILE B 40 3.89 -3.63 -14.17
CA ILE B 40 3.27 -4.93 -14.39
C ILE B 40 3.87 -5.58 -15.64
N THR B 44 -0.80 -8.17 -16.58
CA THR B 44 -2.00 -8.93 -16.92
C THR B 44 -3.21 -8.34 -16.21
N GLY B 45 -4.40 -8.89 -16.53
CA GLY B 45 -5.56 -8.61 -15.71
C GLY B 45 -5.41 -9.17 -14.32
N GLN B 46 -4.69 -10.29 -14.18
CA GLN B 46 -4.29 -10.77 -12.86
C GLN B 46 -3.55 -9.67 -12.10
N GLU B 47 -2.52 -9.11 -12.72
CA GLU B 47 -1.70 -8.10 -12.06
C GLU B 47 -2.56 -6.93 -11.60
N THR B 48 -3.42 -6.43 -12.48
CA THR B 48 -4.31 -5.34 -12.10
C THR B 48 -5.27 -5.78 -11.00
N ALA B 49 -5.88 -6.96 -11.15
CA ALA B 49 -6.75 -7.48 -10.11
C ALA B 49 -6.03 -7.53 -8.78
N TYR B 50 -4.85 -8.15 -8.75
CA TYR B 50 -4.06 -8.17 -7.53
C TYR B 50 -3.76 -6.75 -7.06
N PHE B 51 -3.28 -5.90 -7.96
CA PHE B 51 -3.04 -4.50 -7.63
C PHE B 51 -4.25 -3.89 -6.93
N LEU B 52 -5.43 -4.09 -7.50
CA LEU B 52 -6.64 -3.51 -6.92
C LEU B 52 -6.96 -4.14 -5.56
N LEU B 53 -6.89 -5.47 -5.48
CA LEU B 53 -7.12 -6.13 -4.21
C LEU B 53 -6.25 -5.53 -3.12
N LYS B 54 -4.95 -5.39 -3.40
CA LYS B 54 -4.05 -4.79 -2.42
C LYS B 54 -4.50 -3.38 -2.07
N LEU B 55 -5.01 -2.64 -3.05
CA LEU B 55 -5.41 -1.27 -2.80
C LEU B 55 -6.72 -1.21 -2.01
N ALA B 56 -7.72 -2.00 -2.42
CA ALA B 56 -8.97 -2.02 -1.70
C ALA B 56 -8.78 -2.45 -0.25
N GLY B 57 -7.71 -3.20 0.02
CA GLY B 57 -7.45 -3.73 1.34
C GLY B 57 -6.84 -2.76 2.33
N ARG B 58 -6.62 -1.52 1.94
CA ARG B 58 -6.11 -0.52 2.87
C ARG B 58 -6.79 0.84 2.77
N TRP B 59 -7.31 1.22 1.61
CA TRP B 59 -8.08 2.44 1.46
C TRP B 59 -9.52 2.11 1.12
N PRO B 60 -10.46 3.03 1.37
CA PRO B 60 -11.82 2.85 0.85
C PRO B 60 -11.83 2.95 -0.67
N VAL B 61 -11.88 1.81 -1.34
CA VAL B 61 -11.93 1.74 -2.80
C VAL B 61 -13.34 1.32 -3.18
N LYS B 62 -14.14 2.27 -3.64
CA LYS B 62 -15.56 2.08 -3.90
C LYS B 62 -15.90 2.04 -5.38
N THR B 63 -15.37 3.00 -6.14
CA THR B 63 -15.65 3.12 -7.57
C THR B 63 -14.35 3.41 -8.28
N VAL B 64 -14.10 2.70 -9.37
CA VAL B 64 -12.88 2.85 -10.16
C VAL B 64 -13.26 3.25 -11.57
N HIS B 65 -12.80 4.42 -12.00
CA HIS B 65 -13.08 4.93 -13.33
C HIS B 65 -11.92 4.61 -14.26
N THR B 66 -12.24 4.07 -15.43
CA THR B 66 -11.25 3.75 -16.45
C THR B 66 -11.71 4.32 -17.78
N ASP B 67 -10.75 4.63 -18.64
CA ASP B 67 -11.02 5.34 -19.88
C ASP B 67 -11.00 4.45 -21.12
N ASN B 68 -10.77 3.15 -20.96
CA ASN B 68 -10.82 2.21 -22.07
C ASN B 68 -11.53 0.96 -21.61
N GLY B 69 -11.66 -0.01 -22.51
CA GLY B 69 -12.41 -1.22 -22.25
C GLY B 69 -11.61 -2.40 -21.76
N SER B 70 -10.29 -2.28 -21.65
CA SER B 70 -9.47 -3.42 -21.32
C SER B 70 -9.92 -4.08 -20.01
N ASN B 71 -10.18 -3.27 -18.98
CA ASN B 71 -10.42 -3.84 -17.66
C ASN B 71 -11.74 -4.60 -17.59
N PHE B 72 -12.73 -4.22 -18.38
CA PHE B 72 -14.02 -4.88 -18.37
C PHE B 72 -14.00 -6.22 -19.09
N THR B 73 -12.84 -6.66 -19.57
CA THR B 73 -12.68 -7.95 -20.23
C THR B 73 -11.88 -8.94 -19.41
N SER B 74 -11.25 -8.51 -18.32
CA SER B 74 -10.37 -9.36 -17.54
C SER B 74 -11.17 -10.13 -16.50
N THR B 75 -11.08 -11.47 -16.57
CA THR B 75 -11.86 -12.30 -15.65
C THR B 75 -11.46 -12.04 -14.20
N THR B 76 -10.16 -12.09 -13.91
CA THR B 76 -9.70 -11.89 -12.53
C THR B 76 -10.16 -10.54 -12.01
N VAL B 77 -9.93 -9.47 -12.77
CA VAL B 77 -10.38 -8.15 -12.37
C VAL B 77 -11.86 -8.20 -11.98
N LYS B 78 -12.68 -8.73 -12.88
CA LYS B 78 -14.11 -8.89 -12.58
C LYS B 78 -14.31 -9.71 -11.31
N ALA B 79 -13.41 -10.68 -11.05
CA ALA B 79 -13.50 -11.43 -9.80
C ALA B 79 -13.01 -10.61 -8.61
N ALA B 80 -12.00 -9.76 -8.83
CA ALA B 80 -11.49 -8.93 -7.74
C ALA B 80 -12.55 -7.94 -7.26
N CYS B 81 -13.12 -7.17 -8.17
CA CYS B 81 -14.11 -6.17 -7.80
C CYS B 81 -15.28 -6.82 -7.06
N GLU B 82 -15.76 -7.96 -7.55
CA GLU B 82 -16.83 -8.68 -6.87
C GLU B 82 -16.43 -9.04 -5.45
N TRP B 83 -15.25 -9.65 -5.29
CA TRP B 83 -14.81 -10.09 -3.97
C TRP B 83 -14.69 -8.90 -3.02
N ALA B 84 -14.07 -7.82 -3.48
CA ALA B 84 -13.79 -6.66 -2.62
C ALA B 84 -14.93 -5.66 -2.57
N GLY B 85 -15.91 -5.77 -3.44
CA GLY B 85 -17.04 -4.86 -3.42
C GLY B 85 -16.71 -3.51 -4.05
N ILE B 86 -16.28 -3.54 -5.30
CA ILE B 86 -15.87 -2.33 -6.02
C ILE B 86 -16.71 -2.21 -7.28
N LYS B 87 -17.07 -0.97 -7.61
CA LYS B 87 -17.79 -0.66 -8.84
C LYS B 87 -16.79 -0.14 -9.86
N GLN B 88 -16.57 -0.91 -10.93
CA GLN B 88 -15.92 -0.35 -12.10
C GLN B 88 -16.85 0.66 -12.75
N GLU B 89 -16.27 1.71 -13.31
CA GLU B 89 -17.03 2.67 -14.09
C GLU B 89 -16.17 3.13 -15.25
N PHE B 90 -16.80 3.34 -16.40
CA PHE B 90 -16.12 3.96 -17.53
C PHE B 90 -16.39 5.46 -17.49
N GLY B 91 -15.38 6.24 -17.84
CA GLY B 91 -15.51 7.68 -17.85
C GLY B 91 -14.49 8.37 -16.97
N ILE B 92 -13.55 9.07 -17.61
CA ILE B 92 -12.50 9.76 -16.87
C ILE B 92 -11.72 8.75 -16.05
N VAL B 101 -7.16 14.70 -15.17
CA VAL B 101 -6.31 14.95 -14.01
C VAL B 101 -5.03 14.14 -14.12
N ILE B 102 -5.10 13.00 -14.79
CA ILE B 102 -3.99 12.04 -14.73
C ILE B 102 -2.91 12.40 -15.75
N GLU B 103 -3.31 12.83 -16.96
CA GLU B 103 -2.29 13.20 -17.95
C GLU B 103 -1.46 14.38 -17.46
N SER B 104 -2.07 15.27 -16.67
CA SER B 104 -1.27 16.25 -15.94
C SER B 104 -0.41 15.60 -14.87
N MET B 105 -0.50 14.28 -14.68
CA MET B 105 0.01 13.62 -13.50
C MET B 105 0.82 12.36 -13.77
N ASN B 106 0.69 11.75 -14.94
CA ASN B 106 1.71 10.80 -15.39
C ASN B 106 2.89 11.51 -16.02
N LYS B 107 2.78 12.83 -16.21
CA LYS B 107 3.92 13.61 -16.68
C LYS B 107 4.76 14.10 -15.49
N GLU B 108 4.12 14.57 -14.40
CA GLU B 108 4.88 14.80 -13.18
C GLU B 108 5.60 13.54 -12.75
N LEU B 109 4.86 12.43 -12.62
CA LEU B 109 5.49 11.15 -12.27
C LEU B 109 6.64 10.84 -13.22
N LYS B 110 6.42 11.04 -14.53
CA LYS B 110 7.52 10.90 -15.48
C LYS B 110 8.64 11.87 -15.17
N LYS B 111 8.29 13.10 -14.76
CA LYS B 111 9.31 14.08 -14.39
C LYS B 111 10.11 13.60 -13.19
N ILE B 112 9.41 13.20 -12.12
CA ILE B 112 10.09 12.81 -10.89
C ILE B 112 10.90 11.54 -11.12
N ILE B 113 10.36 10.61 -11.90
CA ILE B 113 11.13 9.40 -12.23
C ILE B 113 12.42 9.77 -12.95
N GLY B 114 12.41 10.88 -13.69
CA GLY B 114 13.61 11.31 -14.38
C GLY B 114 14.74 11.63 -13.43
N GLN B 115 14.43 12.34 -12.34
CA GLN B 115 15.45 12.79 -11.41
C GLN B 115 15.97 11.67 -10.51
N VAL B 116 15.28 10.53 -10.44
CA VAL B 116 15.67 9.45 -9.57
C VAL B 116 16.18 8.22 -10.30
N ARG B 117 15.80 8.05 -11.59
CA ARG B 117 16.20 6.86 -12.32
C ARG B 117 17.68 6.57 -12.13
N ASP B 118 18.51 7.62 -12.06
CA ASP B 118 19.92 7.44 -11.80
C ASP B 118 20.14 6.70 -10.47
N GLN B 119 19.29 6.98 -9.48
CA GLN B 119 19.49 6.43 -8.15
C GLN B 119 19.06 4.97 -8.03
N ALA B 120 18.43 4.42 -9.06
CA ALA B 120 17.82 3.10 -8.97
C ALA B 120 18.35 2.20 -10.07
N GLU B 121 18.71 0.98 -9.68
CA GLU B 121 19.04 -0.06 -10.63
C GLU B 121 17.81 -0.39 -11.48
N HIS B 122 16.74 -0.80 -10.79
CA HIS B 122 15.51 -1.23 -11.41
C HIS B 122 14.55 -0.05 -11.54
N LEU B 123 13.87 0.01 -12.69
CA LEU B 123 12.83 1.02 -12.90
C LEU B 123 11.82 1.01 -11.77
N LYS B 124 11.59 -0.16 -11.15
CA LYS B 124 10.46 -0.32 -10.24
C LYS B 124 10.71 0.40 -8.93
N THR B 125 11.97 0.38 -8.46
CA THR B 125 12.35 1.22 -7.33
C THR B 125 12.14 2.70 -7.65
N ALA B 126 12.47 3.12 -8.87
CA ALA B 126 12.39 4.53 -9.22
C ALA B 126 10.96 5.03 -9.19
N VAL B 127 10.00 4.22 -9.64
CA VAL B 127 8.60 4.62 -9.56
C VAL B 127 8.21 4.84 -8.11
N GLN B 128 8.47 3.85 -7.26
CA GLN B 128 8.11 3.96 -5.85
C GLN B 128 8.76 5.18 -5.21
N MET B 129 10.01 5.47 -5.58
CA MET B 129 10.61 6.74 -5.20
C MET B 129 9.74 7.90 -5.67
N ALA B 130 9.38 7.90 -6.95
CA ALA B 130 8.52 8.96 -7.47
C ALA B 130 7.20 9.02 -6.71
N VAL B 131 6.58 7.86 -6.45
CA VAL B 131 5.38 7.83 -5.63
C VAL B 131 5.64 8.49 -4.28
N PHE B 132 6.68 8.03 -3.58
CA PHE B 132 7.09 8.60 -2.31
C PHE B 132 7.06 10.12 -2.37
N ILE B 133 7.79 10.70 -3.32
CA ILE B 133 7.86 12.16 -3.43
C ILE B 133 6.45 12.76 -3.51
N HIS B 134 5.63 12.22 -4.41
CA HIS B 134 4.34 12.84 -4.68
C HIS B 134 3.48 12.91 -3.43
N ASN B 135 3.37 11.80 -2.71
CA ASN B 135 2.50 11.76 -1.54
C ASN B 135 3.10 12.47 -0.33
N LYS B 136 4.41 12.71 -0.31
CA LYS B 136 5.05 13.32 0.84
C LYS B 136 5.19 14.83 0.71
N LYS B 137 5.42 15.34 -0.49
CA LYS B 137 5.61 16.76 -0.67
C LYS B 137 4.32 17.52 -0.42
N ARG B 138 4.46 18.79 -0.04
CA ARG B 138 3.31 19.66 0.09
C ARG B 138 2.68 19.87 -1.27
N LYS B 139 1.40 19.52 -1.40
CA LYS B 139 0.69 19.77 -2.66
C LYS B 139 0.85 21.22 -3.09
N GLY B 140 0.84 22.14 -2.13
CA GLY B 140 0.97 23.54 -2.40
C GLY B 140 2.38 24.05 -2.52
N GLY B 141 3.38 23.17 -2.49
CA GLY B 141 4.77 23.59 -2.51
C GLY B 141 5.27 24.19 -1.20
N ILE B 142 4.38 24.47 -0.26
CA ILE B 142 4.75 25.08 1.02
C ILE B 142 3.48 25.17 1.85
N GLY B 143 3.55 24.73 3.10
CA GLY B 143 2.40 24.77 3.98
C GLY B 143 1.30 23.83 3.52
N GLY B 144 0.19 23.88 4.24
CA GLY B 144 -0.91 23.01 3.91
C GLY B 144 -0.53 21.55 4.04
N TYR B 145 -1.29 20.71 3.33
CA TYR B 145 -1.15 19.28 3.43
C TYR B 145 -0.38 18.70 2.24
N SER B 146 0.08 17.47 2.42
CA SER B 146 0.49 16.62 1.32
C SER B 146 -0.69 15.77 0.89
N ALA B 147 -0.52 15.00 -0.18
CA ALA B 147 -1.59 14.11 -0.62
C ALA B 147 -1.79 12.97 0.36
N GLY B 148 -0.69 12.39 0.87
CA GLY B 148 -0.80 11.30 1.81
C GLY B 148 -1.50 11.71 3.10
N GLU B 149 -1.23 12.92 3.57
CA GLU B 149 -1.96 13.42 4.73
C GLU B 149 -3.44 13.65 4.39
N ARG B 150 -3.70 14.19 3.20
CA ARG B 150 -5.06 14.61 2.88
C ARG B 150 -5.99 13.43 2.67
N ILE B 151 -5.49 12.36 2.05
CA ILE B 151 -6.33 11.16 1.92
C ILE B 151 -6.73 10.65 3.29
N VAL B 152 -5.78 10.60 4.23
CA VAL B 152 -6.10 10.17 5.58
C VAL B 152 -7.13 11.10 6.21
N ASP B 153 -6.97 12.40 5.99
CA ASP B 153 -7.93 13.36 6.55
C ASP B 153 -9.32 13.11 5.98
N ILE B 154 -9.42 13.02 4.65
CA ILE B 154 -10.72 12.79 4.02
C ILE B 154 -11.39 11.55 4.60
N ILE B 155 -10.63 10.47 4.73
CA ILE B 155 -11.20 9.22 5.24
C ILE B 155 -11.62 9.38 6.69
N ALA B 156 -10.75 9.99 7.51
CA ALA B 156 -11.10 10.21 8.91
C ALA B 156 -12.43 10.92 9.05
N THR B 157 -12.66 11.96 8.24
CA THR B 157 -13.87 12.75 8.35
C THR B 157 -15.11 11.99 7.89
N ASP B 158 -14.95 10.94 7.09
CA ASP B 158 -16.11 10.22 6.59
C ASP B 158 -16.60 9.14 7.54
N ILE B 159 -15.70 8.51 8.31
CA ILE B 159 -16.14 7.48 9.24
C ILE B 159 -16.89 8.11 10.41
N GLU B 160 -16.38 9.21 10.95
CA GLU B 160 -17.02 9.85 12.10
C GLU B 160 -18.42 10.32 11.74
N THR B 161 -18.73 10.41 10.46
CA THR B 161 -20.11 10.55 10.00
C THR B 161 -20.99 9.48 10.66
I IOD C . 3.11 -16.97 -4.44
I IOD D . 6.68 -23.32 5.36
I IOD E . -17.12 -5.38 10.79
I IOD F . 6.10 -5.17 -2.38
S SO4 G . -2.82 -22.76 3.19
O1 SO4 G . -3.51 -23.90 2.58
O2 SO4 G . -3.79 -21.90 3.87
O3 SO4 G . -2.14 -22.00 2.15
O4 SO4 G . -1.84 -23.25 4.16
S SO4 H . 6.61 -19.01 11.07
O1 SO4 H . 5.72 -18.37 12.04
O2 SO4 H . 6.06 -18.85 9.72
O3 SO4 H . 7.93 -18.41 11.13
O4 SO4 H . 6.71 -20.44 11.37
S SO4 I . 14.45 -15.86 14.63
O1 SO4 I . 14.72 -14.79 13.67
O2 SO4 I . 13.22 -16.55 14.25
O3 SO4 I . 14.29 -15.30 15.97
O4 SO4 I . 15.55 -16.81 14.62
S SO4 J . 21.98 -6.39 -0.16
O1 SO4 J . 20.58 -6.71 0.10
O2 SO4 J . 22.15 -6.04 -1.57
O3 SO4 J . 22.36 -5.26 0.68
O4 SO4 J . 22.82 -7.54 0.17
S SO4 K . 5.03 11.45 7.14
O1 SO4 K . 3.57 11.48 7.15
O2 SO4 K . 5.48 10.30 6.37
O3 SO4 K . 5.54 12.67 6.55
O4 SO4 K . 5.52 11.33 8.52
S SO4 L . 16.11 -10.08 -2.11
O1 SO4 L . 14.95 -9.48 -1.47
O2 SO4 L . 16.15 -9.71 -3.52
O3 SO4 L . 17.32 -9.60 -1.46
O4 SO4 L . 16.03 -11.53 -2.01
I IOD M . 11.59 -2.87 -13.75
I IOD N . -1.72 16.68 -6.10
S SO4 O . 8.20 3.23 -23.54
O1 SO4 O . 8.05 1.82 -23.22
O2 SO4 O . 6.97 3.94 -23.24
O3 SO4 O . 8.53 3.39 -24.94
O4 SO4 O . 9.28 3.80 -22.73
S SO4 P . 0.95 7.86 -21.65
O1 SO4 P . 0.45 7.71 -20.29
O2 SO4 P . -0.17 7.89 -22.59
O3 SO4 P . 1.71 9.11 -21.76
O4 SO4 P . 1.83 6.73 -21.97
S SO4 Q . 13.45 7.99 -17.32
O1 SO4 Q . 13.01 6.61 -17.09
O2 SO4 Q . 12.40 8.92 -16.94
O3 SO4 Q . 13.75 8.16 -18.74
O4 SO4 Q . 14.64 8.26 -16.53
S SO4 R . -7.59 -12.45 -16.66
O1 SO4 R . -8.19 -12.06 -15.40
O2 SO4 R . -8.56 -13.22 -17.45
O3 SO4 R . -7.21 -11.26 -17.41
O4 SO4 R . -6.41 -13.27 -16.41
S SO4 S . 0.99 -4.68 -6.17
O1 SO4 S . -0.34 -5.28 -6.14
O2 SO4 S . 1.49 -4.74 -7.54
O3 SO4 S . 0.90 -3.28 -5.74
O4 SO4 S . 1.89 -5.41 -5.28
S SO4 T . -13.80 10.59 -11.69
O1 SO4 T . -15.25 10.65 -11.62
O2 SO4 T . -13.38 10.06 -12.98
O3 SO4 T . -13.25 11.93 -11.52
O4 SO4 T . -13.30 9.72 -10.63
C10 YAV U . 17.27 -1.64 -5.35
C15 YAV U . 17.02 0.99 -3.25
C17 YAV U . 17.58 3.14 -2.01
C20 YAV U . 14.95 -0.20 -2.82
C22 YAV U . 14.50 -6.36 -6.72
C24 YAV U . 12.56 -7.69 -7.18
C26 YAV U . 8.24 -8.42 -6.48
C02 YAV U . 10.27 -6.98 -6.32
C03 YAV U . 11.77 -6.79 -6.48
C04 YAV U . 12.35 -5.67 -5.91
C05 YAV U . 13.70 -5.46 -6.02
C06 YAV U . 14.26 -4.21 -5.35
C07 YAV U . 14.60 -3.21 -4.82
C08 YAV U . 15.01 -1.93 -4.12
C09 YAV U . 16.19 -1.25 -4.37
C11 YAV U . 17.15 -0.66 -6.50
C14 YAV U . 16.15 -0.08 -3.50
C16 YAV U . 16.65 1.96 -2.30
C18 YAV U . 15.44 1.84 -1.62
C19 YAV U . 14.60 0.77 -1.88
C23 YAV U . 13.92 -7.47 -7.29
C27 YAV U . 7.77 -9.66 -7.24
C29 YAV U . 6.82 -10.92 -5.52
C30 YAV U . 5.56 -11.72 -5.25
C32 YAV U . 5.68 -13.72 -6.41
C33 YAV U . 4.91 -14.60 -7.40
C35 YAV U . 2.85 -14.65 -8.81
C36 YAV U . 1.76 -13.97 -9.65
C37 YAV U . 2.03 -13.68 -10.98
C38 YAV U . 1.07 -13.09 -11.77
C39 YAV U . -0.17 -12.77 -11.24
C40 YAV U . -0.44 -13.05 -9.92
C41 YAV U . -1.81 -12.69 -9.35
C42 YAV U . -2.90 -12.41 -8.98
C43 YAV U . -4.35 -12.17 -8.51
C44 YAV U . -5.24 -13.22 -8.29
C45 YAV U . -4.95 -14.70 -8.47
C46 YAV U . -6.03 -15.42 -9.26
C49 YAV U . -6.47 -12.59 -7.86
C50 YAV U . -7.74 -13.05 -7.49
C51 YAV U . -8.73 -12.15 -7.11
C52 YAV U . -10.11 -12.65 -6.70
C53 YAV U . -8.45 -10.78 -7.11
C54 YAV U . -7.19 -10.31 -7.48
C55 YAV U . -6.20 -11.22 -7.86
C57 YAV U . 0.52 -13.66 -9.12
N25 YAV U . 9.66 -8.25 -6.64
N34 YAV U . 3.91 -13.88 -8.17
O01 YAV U . 9.61 -6.09 -5.91
O12 YAV U . 17.51 0.52 -6.31
O13 YAV U . 16.69 -1.02 -7.62
O21 YAV U . 14.31 -1.30 -3.22
O28 YAV U . 6.59 -10.11 -6.64
O31 YAV U . 5.20 -12.42 -6.42
O47 YAV U . -6.46 -16.53 -8.86
O48 YAV U . -6.48 -14.91 -10.32
O56 YAV U . -4.93 -11.04 -8.25
O58 YAV U . 2.83 -15.83 -8.69
#